data_2NWA
#
_entry.id   2NWA
#
_cell.length_a   60.662
_cell.length_b   110.739
_cell.length_c   60.672
_cell.angle_alpha   90.00
_cell.angle_beta   111.06
_cell.angle_gamma   90.00
#
_symmetry.space_group_name_H-M   'P 1 21 1'
#
loop_
_entity.id
_entity.type
_entity.pdbx_description
1 polymer 'Hypothetical protein ytmB'
2 non-polymer 'SULFATE ION'
3 water water
#
_entity_poly.entity_id   1
_entity_poly.type   'polypeptide(L)'
_entity_poly.pdbx_seq_one_letter_code
;(MSE)G(MSE)PVEFNTLIVTKGKEVRIDENIFTLEKDGYRVYP(MSE)EIP(MSE)DVRKTKFGEKSGTAEVQKLQWEE
GRTIITYKLTSLHSVNLEHHHHHH
;
_entity_poly.pdbx_strand_id   A,B,C,D,E,F,G,H
#
# COMPACT_ATOMS: atom_id res chain seq x y z
N GLY A 2 6.60 -6.78 20.39
CA GLY A 2 6.42 -6.83 18.94
C GLY A 2 5.01 -6.71 18.40
N PRO A 4 2.93 -4.77 15.99
CA PRO A 4 2.99 -3.89 14.83
C PRO A 4 1.65 -3.24 14.45
N VAL A 5 1.69 -1.94 14.13
CA VAL A 5 0.48 -1.21 13.74
C VAL A 5 0.83 -0.26 12.60
N GLU A 6 -0.17 0.16 11.83
CA GLU A 6 0.05 1.08 10.73
C GLU A 6 -0.75 2.36 10.98
N PHE A 7 -0.11 3.51 10.83
CA PHE A 7 -0.79 4.78 11.01
C PHE A 7 -1.20 5.32 9.65
N ASN A 8 -2.51 5.55 9.50
CA ASN A 8 -3.03 6.06 8.25
C ASN A 8 -3.58 7.47 8.44
N THR A 9 -3.35 8.33 7.48
CA THR A 9 -3.82 9.69 7.58
C THR A 9 -4.96 9.93 6.61
N LEU A 10 -5.18 8.97 5.72
CA LEU A 10 -6.23 9.08 4.72
C LEU A 10 -7.01 7.78 4.54
N ILE A 11 -8.29 7.90 4.19
CA ILE A 11 -9.11 6.71 3.95
C ILE A 11 -9.02 6.38 2.48
N VAL A 12 -8.42 5.25 2.14
CA VAL A 12 -8.31 4.81 0.74
C VAL A 12 -9.19 3.57 0.53
N THR A 13 -10.36 3.77 -0.05
CA THR A 13 -11.30 2.68 -0.32
C THR A 13 -11.03 2.11 -1.72
N LYS A 14 -10.48 0.91 -1.81
CA LYS A 14 -10.23 0.31 -3.12
C LYS A 14 -11.56 -0.11 -3.72
N GLY A 15 -12.59 0.70 -3.51
CA GLY A 15 -13.90 0.37 -4.01
C GLY A 15 -14.46 -0.80 -3.23
N LYS A 16 -13.83 -1.12 -2.10
CA LYS A 16 -14.27 -2.23 -1.27
C LYS A 16 -15.05 -1.79 -0.05
N GLU A 17 -15.49 -0.54 -0.01
CA GLU A 17 -16.24 -0.06 1.13
C GLU A 17 -17.69 -0.49 1.05
N VAL A 18 -18.34 -0.60 2.20
CA VAL A 18 -19.72 -1.03 2.27
C VAL A 18 -20.53 -0.04 3.09
N ARG A 19 -21.67 0.40 2.57
CA ARG A 19 -22.49 1.32 3.35
C ARG A 19 -23.45 0.51 4.22
N ILE A 20 -23.54 0.86 5.48
CA ILE A 20 -24.43 0.15 6.40
C ILE A 20 -25.62 1.02 6.71
N ASP A 21 -25.53 2.29 6.31
CA ASP A 21 -26.61 3.23 6.52
C ASP A 21 -26.61 4.19 5.33
N GLU A 22 -27.05 5.43 5.53
CA GLU A 22 -27.11 6.38 4.43
C GLU A 22 -25.78 7.06 4.13
N ASN A 23 -25.13 7.59 5.16
CA ASN A 23 -23.85 8.26 4.94
C ASN A 23 -22.66 7.60 5.63
N ILE A 24 -22.92 6.53 6.37
CA ILE A 24 -21.84 5.83 7.08
C ILE A 24 -21.44 4.55 6.36
N PHE A 25 -20.14 4.36 6.18
CA PHE A 25 -19.64 3.18 5.48
C PHE A 25 -18.75 2.35 6.40
N THR A 26 -18.29 1.20 5.90
CA THR A 26 -17.38 0.37 6.67
C THR A 26 -16.31 -0.07 5.70
N LEU A 27 -15.07 -0.05 6.15
CA LEU A 27 -13.93 -0.44 5.34
C LEU A 27 -13.08 -1.42 6.14
N GLU A 28 -12.67 -2.50 5.48
CA GLU A 28 -11.84 -3.50 6.13
C GLU A 28 -10.44 -3.41 5.55
N LYS A 29 -9.46 -3.26 6.42
CA LYS A 29 -8.06 -3.17 5.99
C LYS A 29 -7.26 -4.32 6.58
N ASP A 30 -6.15 -4.65 5.91
CA ASP A 30 -5.28 -5.73 6.35
C ASP A 30 -4.28 -5.15 7.34
N GLY A 31 -4.08 -5.85 8.45
CA GLY A 31 -3.15 -5.38 9.47
C GLY A 31 -3.87 -4.49 10.47
N TYR A 32 -3.27 -4.28 11.64
CA TYR A 32 -3.89 -3.41 12.65
C TYR A 32 -3.58 -1.96 12.33
N ARG A 33 -4.54 -1.21 11.81
CA ARG A 33 -4.32 0.20 11.48
C ARG A 33 -4.81 1.17 12.55
N VAL A 34 -4.22 2.36 12.59
CA VAL A 34 -4.60 3.42 13.53
C VAL A 34 -5.10 4.57 12.67
N TYR A 35 -6.33 4.98 12.90
CA TYR A 35 -6.89 6.08 12.12
C TYR A 35 -7.29 7.19 13.10
N PRO A 36 -7.13 8.46 12.70
CA PRO A 36 -7.52 9.57 13.57
C PRO A 36 -9.01 9.35 13.82
N GLU A 38 -12.88 10.69 15.19
CA GLU A 38 -13.68 11.92 15.32
C GLU A 38 -13.10 13.07 14.52
N ILE A 39 -11.93 12.85 13.91
CA ILE A 39 -11.26 13.89 13.13
C ILE A 39 -11.52 13.73 11.64
N PRO A 40 -11.89 14.83 10.96
CA PRO A 40 -12.15 14.79 9.52
C PRO A 40 -10.89 14.57 8.69
N ASP A 42 -9.35 13.07 4.51
CA ASP A 42 -9.63 12.83 3.10
C ASP A 42 -9.93 11.37 2.78
N VAL A 43 -10.81 11.13 1.82
CA VAL A 43 -11.16 9.78 1.41
C VAL A 43 -11.03 9.70 -0.11
N ARG A 44 -10.41 8.63 -0.58
CA ARG A 44 -10.20 8.44 -2.02
C ARG A 44 -10.29 6.98 -2.44
N LYS A 45 -10.56 6.76 -3.72
CA LYS A 45 -10.69 5.41 -4.27
C LYS A 45 -9.33 4.75 -4.36
N THR A 46 -8.35 5.51 -4.85
CA THR A 46 -7.02 5.00 -5.01
C THR A 46 -5.99 6.05 -4.57
N LYS A 47 -4.71 5.74 -4.79
CA LYS A 47 -3.60 6.62 -4.46
C LYS A 47 -3.49 7.73 -5.48
N PHE A 48 -4.11 7.52 -6.64
CA PHE A 48 -4.08 8.50 -7.72
C PHE A 48 -5.28 9.44 -7.64
N GLU A 50 -7.29 11.11 -6.60
CA GLU A 50 -8.17 12.28 -6.65
C GLU A 50 -9.20 12.24 -5.52
N LYS A 51 -9.16 13.26 -4.66
CA LYS A 51 -10.05 13.35 -3.51
C LYS A 51 -11.52 13.07 -3.85
N SER A 52 -12.08 12.08 -3.18
CA SER A 52 -13.46 11.69 -3.39
C SER A 52 -14.42 12.33 -2.39
N GLY A 53 -13.87 12.79 -1.27
CA GLY A 53 -14.69 13.42 -0.26
C GLY A 53 -14.01 13.52 1.10
N THR A 54 -14.80 13.89 2.10
CA THR A 54 -14.29 14.03 3.45
C THR A 54 -15.13 13.13 4.34
N ALA A 55 -14.50 12.56 5.36
CA ALA A 55 -15.22 11.68 6.27
C ALA A 55 -14.62 11.71 7.65
N GLU A 56 -15.30 11.08 8.60
CA GLU A 56 -14.86 11.03 9.99
C GLU A 56 -15.15 9.65 10.57
N VAL A 57 -14.11 8.94 10.99
CA VAL A 57 -14.28 7.61 11.57
C VAL A 57 -15.10 7.66 12.86
N GLN A 58 -16.14 6.83 12.95
CA GLN A 58 -16.98 6.81 14.15
C GLN A 58 -16.58 5.61 15.01
N LYS A 59 -16.09 4.55 14.38
CA LYS A 59 -15.69 3.38 15.13
C LYS A 59 -14.55 2.64 14.43
N LEU A 60 -13.69 2.02 15.21
CA LEU A 60 -12.54 1.27 14.67
C LEU A 60 -12.31 0.00 15.49
N GLN A 61 -12.19 -1.13 14.81
CA GLN A 61 -11.94 -2.37 15.53
C GLN A 61 -10.85 -3.23 14.90
N TRP A 62 -10.15 -3.96 15.77
CA TRP A 62 -9.08 -4.86 15.37
C TRP A 62 -9.53 -6.26 15.70
N GLU A 63 -9.23 -7.19 14.80
CA GLU A 63 -9.61 -8.60 14.97
C GLU A 63 -8.95 -9.45 13.89
N GLU A 64 -8.27 -10.51 14.32
CA GLU A 64 -7.60 -11.43 13.40
C GLU A 64 -6.76 -10.74 12.33
N GLY A 65 -5.70 -10.06 12.78
CA GLY A 65 -4.81 -9.38 11.85
C GLY A 65 -5.45 -8.37 10.91
N ARG A 66 -6.75 -8.13 11.03
CA ARG A 66 -7.40 -7.17 10.14
C ARG A 66 -8.05 -6.04 10.95
N THR A 67 -8.32 -4.94 10.26
CA THR A 67 -8.96 -3.79 10.89
C THR A 67 -10.13 -3.33 10.03
N ILE A 68 -11.28 -3.08 10.67
CA ILE A 68 -12.47 -2.63 9.96
C ILE A 68 -12.97 -1.33 10.58
N ILE A 69 -13.08 -0.27 9.78
CA ILE A 69 -13.54 1.02 10.29
C ILE A 69 -14.92 1.39 9.80
N THR A 70 -15.62 2.19 10.60
CA THR A 70 -16.95 2.66 10.24
C THR A 70 -16.85 4.17 10.22
N TYR A 71 -16.95 4.76 9.04
CA TYR A 71 -16.85 6.20 8.94
C TYR A 71 -18.11 6.87 8.39
N LYS A 72 -18.26 8.15 8.74
CA LYS A 72 -19.39 8.95 8.31
C LYS A 72 -18.91 9.89 7.23
N LEU A 73 -19.44 9.74 6.01
CA LEU A 73 -19.03 10.60 4.90
C LEU A 73 -19.70 11.96 5.11
N THR A 74 -18.91 13.03 5.27
CA THR A 74 -19.46 14.35 5.51
C THR A 74 -19.55 15.24 4.29
N SER A 75 -18.98 14.82 3.17
CA SER A 75 -19.04 15.61 1.96
C SER A 75 -18.38 14.91 0.79
N LEU A 76 -18.80 15.28 -0.43
CA LEU A 76 -18.25 14.71 -1.66
C LEU A 76 -17.41 15.77 -2.36
N HIS A 77 -16.34 15.37 -3.03
CA HIS A 77 -15.48 16.35 -3.71
C HIS A 77 -15.91 16.67 -5.13
N SER A 78 -15.22 16.11 -6.13
CA SER A 78 -15.55 16.36 -7.54
C SER A 78 -16.68 15.46 -7.99
N VAL A 79 -17.88 15.67 -7.47
CA VAL A 79 -19.02 14.84 -7.88
C VAL A 79 -19.49 15.26 -9.27
N ASN A 80 -19.06 14.52 -10.28
CA ASN A 80 -19.43 14.81 -11.65
C ASN A 80 -20.93 14.72 -11.93
N LEU A 81 -21.38 15.33 -13.02
CA LEU A 81 -22.80 15.32 -13.38
C LEU A 81 -23.40 13.93 -13.63
N GLY B 2 -4.84 16.64 17.23
CA GLY B 2 -4.04 15.44 17.25
C GLY B 2 -4.86 14.23 17.61
N PRO B 4 -4.71 11.32 20.05
CA PRO B 4 -4.08 10.76 21.25
C PRO B 4 -4.51 9.32 21.53
N VAL B 5 -3.53 8.46 21.82
CA VAL B 5 -3.78 7.06 22.15
C VAL B 5 -2.87 6.71 23.32
N GLU B 6 -3.20 5.65 24.03
CA GLU B 6 -2.43 5.20 25.17
C GLU B 6 -2.00 3.76 24.91
N PHE B 7 -0.72 3.46 25.13
CA PHE B 7 -0.23 2.09 24.92
C PHE B 7 -0.21 1.37 26.25
N ASN B 8 -0.87 0.22 26.30
CA ASN B 8 -0.94 -0.57 27.53
C ASN B 8 -0.23 -1.89 27.33
N THR B 9 0.51 -2.33 28.34
CA THR B 9 1.24 -3.60 28.23
C THR B 9 0.62 -4.64 29.14
N LEU B 10 -0.33 -4.23 29.96
CA LEU B 10 -1.01 -5.12 30.88
C LEU B 10 -2.51 -4.86 30.95
N ILE B 11 -3.28 -5.89 31.27
CA ILE B 11 -4.73 -5.73 31.40
C ILE B 11 -4.99 -5.50 32.89
N VAL B 12 -5.47 -4.31 33.24
CA VAL B 12 -5.79 -3.99 34.63
C VAL B 12 -7.30 -3.85 34.77
N THR B 13 -7.96 -4.89 35.26
CA THR B 13 -9.41 -4.87 35.43
C THR B 13 -9.76 -4.37 36.83
N LYS B 14 -10.30 -3.17 36.93
CA LYS B 14 -10.67 -2.61 38.23
C LYS B 14 -11.90 -3.35 38.79
N GLY B 15 -12.00 -4.64 38.49
CA GLY B 15 -13.13 -5.42 38.96
C GLY B 15 -14.34 -5.05 38.12
N LYS B 16 -14.08 -4.33 37.03
CA LYS B 16 -15.15 -3.88 36.13
C LYS B 16 -15.24 -4.71 34.85
N GLU B 17 -14.59 -5.87 34.81
CA GLU B 17 -14.65 -6.71 33.61
C GLU B 17 -15.93 -7.52 33.58
N VAL B 18 -16.37 -7.85 32.39
CA VAL B 18 -17.60 -8.61 32.22
C VAL B 18 -17.36 -9.83 31.35
N ARG B 19 -17.83 -10.98 31.80
CA ARG B 19 -17.65 -12.19 31.01
C ARG B 19 -18.83 -12.38 30.06
N ILE B 20 -18.54 -12.56 28.79
CA ILE B 20 -19.57 -12.76 27.78
C ILE B 20 -19.67 -14.22 27.41
N ASP B 21 -18.69 -15.00 27.86
CA ASP B 21 -18.69 -16.43 27.61
C ASP B 21 -18.06 -17.11 28.82
N GLU B 22 -17.40 -18.24 28.60
CA GLU B 22 -16.78 -18.97 29.69
C GLU B 22 -15.42 -18.46 30.10
N ASN B 23 -14.53 -18.22 29.13
CA ASN B 23 -13.20 -17.74 29.45
C ASN B 23 -12.86 -16.41 28.81
N ILE B 24 -13.80 -15.84 28.05
CA ILE B 24 -13.55 -14.56 27.39
C ILE B 24 -14.31 -13.47 28.14
N PHE B 25 -13.64 -12.35 28.38
CA PHE B 25 -14.22 -11.22 29.10
C PHE B 25 -14.20 -9.96 28.24
N THR B 26 -14.79 -8.89 28.74
CA THR B 26 -14.77 -7.62 28.01
C THR B 26 -14.43 -6.53 29.03
N LEU B 27 -13.55 -5.62 28.65
CA LEU B 27 -13.15 -4.54 29.53
C LEU B 27 -13.25 -3.21 28.82
N GLU B 28 -13.90 -2.25 29.47
CA GLU B 28 -14.05 -0.92 28.89
C GLU B 28 -13.06 0.04 29.58
N LYS B 29 -12.27 0.74 28.78
CA LYS B 29 -11.32 1.67 29.30
C LYS B 29 -11.63 3.06 28.74
N ASP B 30 -11.17 4.09 29.46
CA ASP B 30 -11.39 5.46 29.07
C ASP B 30 -10.23 5.85 28.15
N GLY B 31 -10.54 6.54 27.06
CA GLY B 31 -9.51 6.94 26.11
C GLY B 31 -9.27 5.86 25.07
N TYR B 32 -8.64 6.21 23.95
CA TYR B 32 -8.35 5.23 22.90
C TYR B 32 -7.07 4.50 23.26
N ARG B 33 -7.19 3.24 23.70
CA ARG B 33 -6.02 2.46 24.07
C ARG B 33 -5.53 1.48 23.00
N VAL B 34 -4.24 1.18 23.02
CA VAL B 34 -3.63 0.22 22.11
C VAL B 34 -3.15 -0.95 22.96
N TYR B 35 -3.65 -2.13 22.67
CA TYR B 35 -3.29 -3.34 23.40
C TYR B 35 -2.64 -4.33 22.45
N PRO B 36 -1.66 -5.11 22.93
CA PRO B 36 -1.05 -6.07 22.01
C PRO B 36 -2.15 -7.03 21.63
N GLU B 38 -3.56 -10.76 20.01
CA GLU B 38 -3.15 -12.15 19.82
C GLU B 38 -1.95 -12.55 20.70
N ILE B 39 -1.32 -11.56 21.32
CA ILE B 39 -0.16 -11.76 22.19
C ILE B 39 -0.57 -11.91 23.65
N PRO B 40 -0.04 -12.91 24.34
CA PRO B 40 -0.36 -13.13 25.77
C PRO B 40 0.28 -12.08 26.66
N ASP B 42 -0.08 -10.12 30.94
CA ASP B 42 -0.52 -10.23 32.33
C ASP B 42 -1.83 -9.49 32.62
N VAL B 43 -2.63 -10.05 33.51
CA VAL B 43 -3.89 -9.41 33.87
C VAL B 43 -3.98 -9.30 35.38
N ARG B 44 -4.37 -8.13 35.88
CA ARG B 44 -4.45 -7.93 37.31
C ARG B 44 -5.63 -7.05 37.72
N LYS B 45 -6.06 -7.19 38.99
CA LYS B 45 -7.18 -6.42 39.50
C LYS B 45 -6.81 -4.96 39.68
N THR B 46 -5.59 -4.70 40.15
CA THR B 46 -5.15 -3.33 40.35
C THR B 46 -3.71 -3.19 39.91
N LYS B 47 -3.29 -1.95 39.73
CA LYS B 47 -1.93 -1.66 39.31
C LYS B 47 -0.89 -2.19 40.33
N PHE B 48 -1.38 -2.74 41.45
CA PHE B 48 -0.52 -3.31 42.49
C PHE B 48 -0.21 -4.76 42.15
N GLU B 50 -1.43 -8.07 42.76
CA GLU B 50 -0.47 -8.82 41.95
C GLU B 50 -1.13 -9.54 40.75
N LYS B 51 -0.33 -10.35 40.06
CA LYS B 51 -0.80 -11.09 38.86
C LYS B 51 -1.99 -11.99 39.10
N SER B 52 -3.06 -11.73 38.37
CA SER B 52 -4.29 -12.50 38.50
C SER B 52 -4.38 -13.58 37.44
N GLY B 53 -3.59 -13.44 36.38
CA GLY B 53 -3.58 -14.43 35.32
C GLY B 53 -3.00 -13.96 34.01
N THR B 54 -3.16 -14.79 32.99
CA THR B 54 -2.67 -14.46 31.66
C THR B 54 -3.84 -14.46 30.68
N ALA B 55 -3.78 -13.55 29.70
CA ALA B 55 -4.86 -13.47 28.71
C ALA B 55 -4.33 -12.98 27.38
N GLU B 56 -5.19 -13.06 26.36
CA GLU B 56 -4.85 -12.65 25.00
C GLU B 56 -6.05 -11.95 24.39
N VAL B 57 -5.86 -10.70 23.97
CA VAL B 57 -6.93 -9.91 23.37
C VAL B 57 -7.37 -10.49 22.01
N GLN B 58 -8.66 -10.79 21.87
CA GLN B 58 -9.19 -11.33 20.62
C GLN B 58 -9.74 -10.19 19.74
N LYS B 59 -10.29 -9.16 20.38
CA LYS B 59 -10.83 -8.05 19.65
C LYS B 59 -10.67 -6.73 20.40
N LEU B 60 -10.49 -5.64 19.66
CA LEU B 60 -10.34 -4.32 20.27
C LEU B 60 -11.09 -3.28 19.44
N GLN B 61 -11.89 -2.46 20.10
CA GLN B 61 -12.61 -1.42 19.36
C GLN B 61 -12.55 -0.06 20.02
N TRP B 62 -12.64 0.98 19.21
CA TRP B 62 -12.61 2.35 19.68
C TRP B 62 -13.95 2.94 19.31
N GLU B 63 -14.51 3.77 20.18
CA GLU B 63 -15.80 4.42 19.93
C GLU B 63 -16.10 5.44 21.00
N GLU B 64 -16.38 6.67 20.59
CA GLU B 64 -16.69 7.75 21.53
C GLU B 64 -15.65 7.83 22.67
N GLY B 65 -14.42 8.19 22.30
CA GLY B 65 -13.36 8.33 23.27
C GLY B 65 -13.13 7.18 24.24
N ARG B 66 -13.78 6.06 24.03
CA ARG B 66 -13.58 4.93 24.93
C ARG B 66 -13.11 3.74 24.12
N THR B 67 -12.53 2.76 24.80
CA THR B 67 -12.03 1.57 24.14
C THR B 67 -12.52 0.36 24.90
N ILE B 68 -12.99 -0.64 24.20
CA ILE B 68 -13.48 -1.84 24.85
C ILE B 68 -12.79 -3.05 24.23
N ILE B 69 -12.14 -3.86 25.05
CA ILE B 69 -11.44 -5.04 24.57
C ILE B 69 -12.10 -6.34 24.99
N THR B 70 -11.91 -7.37 24.20
CA THR B 70 -12.50 -8.67 24.48
C THR B 70 -11.30 -9.61 24.51
N TYR B 71 -11.00 -10.14 25.68
CA TYR B 71 -9.86 -11.02 25.80
C TYR B 71 -10.22 -12.41 26.30
N LYS B 72 -9.35 -13.36 25.96
CA LYS B 72 -9.53 -14.76 26.35
C LYS B 72 -8.56 -15.07 27.49
N LEU B 73 -9.09 -15.41 28.66
CA LEU B 73 -8.26 -15.72 29.81
C LEU B 73 -7.64 -17.10 29.59
N THR B 74 -6.32 -17.18 29.48
CA THR B 74 -5.67 -18.47 29.23
C THR B 74 -5.17 -19.17 30.48
N SER B 75 -5.15 -18.46 31.61
CA SER B 75 -4.68 -19.06 32.86
C SER B 75 -4.82 -18.15 34.06
N LEU B 76 -4.94 -18.75 35.24
CA LEU B 76 -5.08 -18.02 36.50
C LEU B 76 -3.79 -18.18 37.30
N HIS B 77 -3.35 -17.12 37.97
CA HIS B 77 -2.12 -17.14 38.76
C HIS B 77 -2.25 -17.74 40.17
N SER B 78 -2.31 -16.89 41.18
CA SER B 78 -2.41 -17.35 42.57
C SER B 78 -3.87 -17.60 42.93
N VAL B 79 -4.47 -18.63 42.34
CA VAL B 79 -5.86 -18.94 42.64
C VAL B 79 -5.98 -19.60 44.01
N ASN B 80 -6.28 -18.79 45.03
CA ASN B 80 -6.39 -19.31 46.38
C ASN B 80 -7.38 -20.45 46.53
N LEU B 81 -7.03 -21.35 47.45
CA LEU B 81 -7.79 -22.56 47.79
C LEU B 81 -7.68 -23.61 46.67
N GLY C 2 0.92 5.22 5.00
CA GLY C 2 1.19 4.08 5.87
C GLY C 2 2.43 4.21 6.74
N PRO C 4 4.19 2.85 9.61
CA PRO C 4 4.30 1.66 10.46
C PRO C 4 5.21 1.87 11.67
N VAL C 5 4.76 1.45 12.85
CA VAL C 5 5.55 1.57 14.06
C VAL C 5 5.36 0.31 14.87
N GLU C 6 6.32 0.01 15.74
CA GLU C 6 6.23 -1.19 16.60
C GLU C 6 6.20 -0.77 18.07
N PHE C 7 5.26 -1.32 18.83
CA PHE C 7 5.16 -1.02 20.25
C PHE C 7 5.88 -2.11 21.04
N ASN C 8 6.85 -1.70 21.85
CA ASN C 8 7.61 -2.63 22.66
C ASN C 8 7.36 -2.38 24.13
N THR C 9 7.20 -3.47 24.89
CA THR C 9 6.94 -3.35 26.32
C THR C 9 8.17 -3.74 27.14
N LEU C 10 9.15 -4.31 26.47
CA LEU C 10 10.40 -4.73 27.10
C LEU C 10 11.63 -4.34 26.27
N ILE C 11 12.75 -4.11 26.96
CA ILE C 11 14.00 -3.78 26.29
C ILE C 11 14.73 -5.10 26.13
N VAL C 12 14.90 -5.54 24.88
CA VAL C 12 15.63 -6.77 24.62
C VAL C 12 16.94 -6.41 23.94
N THR C 13 18.04 -6.45 24.69
CA THR C 13 19.37 -6.12 24.13
C THR C 13 20.03 -7.40 23.64
N LYS C 14 20.19 -7.54 22.32
CA LYS C 14 20.82 -8.76 21.78
C LYS C 14 22.34 -8.73 22.05
N GLY C 15 22.72 -8.19 23.20
CA GLY C 15 24.11 -8.09 23.52
C GLY C 15 24.70 -6.99 22.68
N LYS C 16 23.84 -6.23 22.01
CA LYS C 16 24.27 -5.14 21.14
C LYS C 16 24.13 -3.75 21.76
N GLU C 17 23.88 -3.67 23.06
CA GLU C 17 23.74 -2.37 23.70
C GLU C 17 25.10 -1.74 23.94
N VAL C 18 25.15 -0.41 24.00
CA VAL C 18 26.40 0.32 24.22
C VAL C 18 26.26 1.31 25.37
N ARG C 19 27.18 1.28 26.33
CA ARG C 19 27.11 2.22 27.43
C ARG C 19 27.84 3.51 27.07
N ILE C 20 27.17 4.64 27.26
CA ILE C 20 27.75 5.94 26.95
C ILE C 20 28.17 6.61 28.24
N ASP C 21 27.72 6.07 29.36
CA ASP C 21 28.06 6.62 30.66
C ASP C 21 28.17 5.46 31.63
N GLU C 22 27.86 5.70 32.91
CA GLU C 22 27.98 4.65 33.90
C GLU C 22 26.77 3.71 33.96
N ASN C 23 25.58 4.25 34.01
CA ASN C 23 24.40 3.41 34.09
C ASN C 23 23.43 3.60 32.92
N ILE C 24 23.77 4.48 31.99
CA ILE C 24 22.91 4.72 30.84
C ILE C 24 23.49 4.08 29.58
N PHE C 25 22.65 3.34 28.86
CA PHE C 25 23.08 2.65 27.66
C PHE C 25 22.32 3.16 26.43
N THR C 26 22.72 2.68 25.26
CA THR C 26 22.03 3.03 24.03
C THR C 26 21.81 1.74 23.27
N LEU C 27 20.61 1.58 22.73
CA LEU C 27 20.27 0.40 21.97
C LEU C 27 19.65 0.84 20.63
N GLU C 28 20.11 0.22 19.54
CA GLU C 28 19.62 0.53 18.21
C GLU C 28 18.78 -0.62 17.72
N LYS C 29 17.54 -0.33 17.35
CA LYS C 29 16.60 -1.32 16.83
C LYS C 29 16.20 -1.00 15.40
N ASP C 30 15.78 -2.03 14.68
CA ASP C 30 15.36 -1.89 13.29
C ASP C 30 13.89 -1.47 13.30
N GLY C 31 13.52 -0.54 12.43
CA GLY C 31 12.14 -0.08 12.37
C GLY C 31 11.82 1.00 13.41
N TYR C 32 10.77 1.78 13.19
CA TYR C 32 10.38 2.84 14.15
C TYR C 32 9.65 2.22 15.33
N ARG C 33 10.33 2.12 16.47
CA ARG C 33 9.73 1.54 17.68
C ARG C 33 9.21 2.58 18.69
N VAL C 34 8.17 2.20 19.43
CA VAL C 34 7.59 3.05 20.47
C VAL C 34 7.88 2.37 21.80
N TYR C 35 8.58 3.07 22.69
CA TYR C 35 8.93 2.53 24.00
C TYR C 35 8.32 3.44 25.05
N PRO C 36 7.86 2.87 26.17
CA PRO C 36 7.27 3.71 27.24
C PRO C 36 8.38 4.63 27.69
N GLU C 38 10.20 7.40 30.41
CA GLU C 38 10.22 7.72 31.84
C GLU C 38 9.65 6.63 32.74
N ILE C 39 9.07 5.60 32.12
CA ILE C 39 8.44 4.49 32.85
C ILE C 39 9.40 3.32 32.95
N PRO C 40 9.50 2.69 34.13
CA PRO C 40 10.39 1.54 34.35
C PRO C 40 9.89 0.28 33.67
N ASP C 42 11.19 -3.96 32.05
CA ASP C 42 12.14 -5.07 32.12
C ASP C 42 13.13 -5.08 30.97
N VAL C 43 14.37 -5.48 31.27
CA VAL C 43 15.39 -5.55 30.23
C VAL C 43 15.99 -6.95 30.23
N ARG C 44 16.20 -7.51 29.05
CA ARG C 44 16.74 -8.84 28.95
C ARG C 44 17.62 -9.01 27.73
N LYS C 45 18.54 -9.98 27.80
CA LYS C 45 19.47 -10.27 26.72
C LYS C 45 18.75 -10.88 25.55
N THR C 46 17.83 -11.80 25.84
CA THR C 46 17.09 -12.45 24.76
C THR C 46 15.59 -12.31 24.94
N LYS C 47 14.87 -12.36 23.82
CA LYS C 47 13.42 -12.25 23.82
C LYS C 47 12.78 -13.26 24.77
N PHE C 48 13.27 -14.50 24.75
CA PHE C 48 12.80 -15.60 25.60
C PHE C 48 12.62 -15.15 27.03
N GLU C 50 14.79 -14.58 29.93
CA GLU C 50 14.29 -14.22 31.26
C GLU C 50 14.54 -12.75 31.51
N LYS C 51 14.71 -12.39 32.77
CA LYS C 51 14.92 -10.98 33.11
C LYS C 51 16.35 -10.65 33.50
N SER C 52 16.93 -9.68 32.80
CA SER C 52 18.28 -9.24 33.03
C SER C 52 18.36 -8.00 33.93
N GLY C 53 17.25 -7.29 34.05
CA GLY C 53 17.23 -6.10 34.87
C GLY C 53 16.07 -5.17 34.57
N THR C 54 16.11 -4.00 35.19
CA THR C 54 15.06 -3.02 35.00
C THR C 54 15.70 -1.75 34.47
N ALA C 55 14.99 -1.04 33.60
CA ALA C 55 15.53 0.19 33.06
C ALA C 55 14.43 1.22 32.75
N GLU C 56 14.85 2.42 32.38
CA GLU C 56 13.93 3.49 32.06
C GLU C 56 14.47 4.33 30.90
N VAL C 57 13.75 4.34 29.78
CA VAL C 57 14.21 5.10 28.62
C VAL C 57 14.26 6.60 28.91
N GLN C 58 15.41 7.23 28.64
CA GLN C 58 15.60 8.66 28.89
C GLN C 58 15.41 9.42 27.59
N LYS C 59 15.72 8.77 26.48
CA LYS C 59 15.57 9.42 25.18
C LYS C 59 15.26 8.41 24.10
N LEU C 60 14.53 8.84 23.08
CA LEU C 60 14.19 7.96 21.97
C LEU C 60 14.19 8.75 20.68
N GLN C 61 14.85 8.24 19.65
CA GLN C 61 14.87 8.93 18.38
C GLN C 61 14.64 8.02 17.19
N TRP C 62 14.09 8.59 16.14
CA TRP C 62 13.79 7.89 14.89
C TRP C 62 14.58 8.55 13.79
N GLU C 63 15.14 7.74 12.90
CA GLU C 63 15.93 8.25 11.79
C GLU C 63 16.22 7.12 10.82
N GLU C 64 15.97 7.37 9.54
CA GLU C 64 16.20 6.37 8.50
C GLU C 64 15.70 4.96 8.85
N GLY C 65 14.38 4.82 8.95
CA GLY C 65 13.80 3.53 9.25
C GLY C 65 14.26 2.81 10.50
N ARG C 66 15.18 3.40 11.26
CA ARG C 66 15.63 2.75 12.49
C ARG C 66 15.34 3.61 13.72
N THR C 67 15.40 2.99 14.89
CA THR C 67 15.14 3.68 16.15
C THR C 67 16.22 3.36 17.15
N ILE C 68 16.78 4.39 17.78
CA ILE C 68 17.82 4.20 18.77
C ILE C 68 17.38 4.78 20.12
N ILE C 69 17.34 3.97 21.16
CA ILE C 69 16.95 4.47 22.49
C ILE C 69 18.13 4.59 23.46
N THR C 70 18.00 5.49 24.42
CA THR C 70 19.03 5.65 25.44
C THR C 70 18.33 5.41 26.77
N TYR C 71 18.68 4.32 27.43
CA TYR C 71 18.03 4.02 28.68
C TYR C 71 19.00 3.97 29.86
N LYS C 72 18.43 4.17 31.05
CA LYS C 72 19.17 4.14 32.31
C LYS C 72 18.83 2.83 32.98
N LEU C 73 19.83 1.98 33.19
CA LEU C 73 19.61 0.70 33.86
C LEU C 73 19.48 0.99 35.37
N THR C 74 18.33 0.66 35.97
CA THR C 74 18.12 0.94 37.39
C THR C 74 18.33 -0.24 38.33
N SER C 75 18.56 -1.42 37.77
CA SER C 75 18.78 -2.60 38.61
C SER C 75 19.03 -3.84 37.75
N LEU C 76 19.72 -4.81 38.35
CA LEU C 76 20.06 -6.07 37.71
C LEU C 76 19.25 -7.17 38.38
N HIS C 77 18.84 -8.18 37.62
CA HIS C 77 18.04 -9.27 38.16
C HIS C 77 18.89 -10.40 38.71
N SER C 78 18.97 -11.51 37.97
CA SER C 78 19.76 -12.65 38.43
C SER C 78 21.26 -12.50 38.18
N VAL C 79 21.88 -11.52 38.80
CA VAL C 79 23.32 -11.33 38.62
C VAL C 79 24.10 -12.46 39.30
N ASN C 80 24.50 -13.45 38.51
CA ASN C 80 25.24 -14.59 39.04
C ASN C 80 26.55 -14.24 39.75
N LEU C 81 26.85 -15.08 40.75
CA LEU C 81 28.01 -14.95 41.60
C LEU C 81 27.77 -13.65 42.38
N GLY D 2 1.10 3.38 31.41
CA GLY D 2 0.33 4.39 30.70
C GLY D 2 1.26 5.28 29.91
N PRO D 4 1.31 7.78 27.01
CA PRO D 4 0.54 8.64 26.11
C PRO D 4 1.33 9.25 24.95
N VAL D 5 0.77 9.18 23.75
CA VAL D 5 1.40 9.77 22.58
C VAL D 5 0.30 10.50 21.78
N GLU D 6 0.71 11.38 20.86
CA GLU D 6 -0.24 12.09 20.04
C GLU D 6 0.17 11.88 18.58
N PHE D 7 -0.80 11.53 17.75
CA PHE D 7 -0.54 11.32 16.33
C PHE D 7 -0.85 12.58 15.53
N ASN D 8 0.15 13.11 14.86
CA ASN D 8 -0.02 14.30 14.07
C ASN D 8 0.11 13.96 12.60
N THR D 9 -0.76 14.56 11.78
CA THR D 9 -0.77 14.29 10.34
C THR D 9 -0.25 15.49 9.58
N LEU D 10 -0.07 16.61 10.28
CA LEU D 10 0.42 17.84 9.67
C LEU D 10 1.46 18.53 10.56
N ILE D 11 2.35 19.30 9.95
CA ILE D 11 3.35 20.03 10.71
C ILE D 11 2.81 21.44 10.88
N VAL D 12 2.51 21.82 12.13
CA VAL D 12 2.01 23.16 12.44
C VAL D 12 3.11 23.90 13.20
N THR D 13 3.82 24.80 12.51
CA THR D 13 4.89 25.58 13.13
C THR D 13 4.32 26.90 13.62
N LYS D 14 4.24 27.09 14.93
CA LYS D 14 3.69 28.35 15.46
C LYS D 14 4.67 29.48 15.27
N GLY D 15 5.45 29.41 14.20
CA GLY D 15 6.46 30.42 13.93
C GLY D 15 7.65 30.14 14.82
N LYS D 16 7.63 28.99 15.49
CA LYS D 16 8.69 28.60 16.41
C LYS D 16 9.69 27.59 15.81
N GLU D 17 9.67 27.42 14.50
CA GLU D 17 10.59 26.48 13.87
C GLU D 17 11.94 27.14 13.69
N VAL D 18 12.99 26.32 13.69
CA VAL D 18 14.36 26.80 13.56
C VAL D 18 15.07 26.06 12.43
N ARG D 19 15.70 26.80 11.53
CA ARG D 19 16.43 26.17 10.43
C ARG D 19 17.87 25.89 10.85
N ILE D 20 18.30 24.64 10.68
CA ILE D 20 19.64 24.25 11.05
C ILE D 20 20.51 24.17 9.80
N ASP D 21 19.88 24.22 8.64
CA ASP D 21 20.60 24.15 7.38
C ASP D 21 19.86 25.05 6.38
N GLU D 22 19.86 24.68 5.10
CA GLU D 22 19.19 25.48 4.10
C GLU D 22 17.70 25.19 3.95
N ASN D 23 17.35 23.91 3.84
CA ASN D 23 15.96 23.55 3.68
C ASN D 23 15.42 22.67 4.79
N ILE D 24 16.27 22.32 5.75
CA ILE D 24 15.83 21.47 6.87
C ILE D 24 15.64 22.31 8.13
N PHE D 25 14.51 22.08 8.81
CA PHE D 25 14.18 22.83 10.01
C PHE D 25 13.98 21.90 11.19
N THR D 26 13.85 22.47 12.39
CA THR D 26 13.61 21.69 13.58
C THR D 26 12.45 22.34 14.32
N LEU D 27 11.54 21.52 14.81
CA LEU D 27 10.38 22.01 15.53
C LEU D 27 10.25 21.21 16.81
N GLU D 28 10.00 21.92 17.91
CA GLU D 28 9.85 21.28 19.22
C GLU D 28 8.40 21.37 19.64
N LYS D 29 7.81 20.23 19.95
CA LYS D 29 6.42 20.16 20.37
C LYS D 29 6.31 19.62 21.78
N ASP D 30 5.20 19.93 22.44
CA ASP D 30 4.97 19.47 23.79
C ASP D 30 4.30 18.12 23.72
N GLY D 31 4.76 17.18 24.55
CA GLY D 31 4.19 15.84 24.55
C GLY D 31 4.93 14.94 23.58
N TYR D 32 4.79 13.63 23.73
CA TYR D 32 5.45 12.71 22.82
C TYR D 32 4.58 12.57 21.57
N ARG D 33 5.01 13.16 20.47
CA ARG D 33 4.23 13.07 19.24
C ARG D 33 4.76 12.03 18.24
N VAL D 34 3.86 11.49 17.43
CA VAL D 34 4.21 10.52 16.39
C VAL D 34 3.92 11.23 15.08
N TYR D 35 4.92 11.35 14.23
CA TYR D 35 4.76 11.98 12.93
C TYR D 35 5.13 10.94 11.87
N PRO D 36 4.47 10.99 10.69
CA PRO D 36 4.79 10.03 9.63
C PRO D 36 6.24 10.32 9.26
N GLU D 38 9.68 10.02 6.66
CA GLU D 38 10.03 9.87 5.24
C GLU D 38 8.84 10.13 4.31
N ILE D 39 7.66 10.35 4.88
CA ILE D 39 6.44 10.60 4.11
C ILE D 39 6.13 12.08 4.03
N PRO D 40 5.84 12.59 2.83
CA PRO D 40 5.53 14.01 2.65
C PRO D 40 4.19 14.40 3.25
N ASP D 42 1.74 18.12 4.83
CA ASP D 42 1.52 19.57 4.80
C ASP D 42 2.13 20.29 6.00
N VAL D 43 2.58 21.52 5.79
CA VAL D 43 3.16 22.32 6.88
C VAL D 43 2.53 23.70 6.86
N ARG D 44 2.09 24.16 8.02
CA ARG D 44 1.46 25.47 8.12
C ARG D 44 1.84 26.22 9.36
N LYS D 45 1.66 27.54 9.33
CA LYS D 45 1.97 28.40 10.45
C LYS D 45 0.95 28.17 11.57
N THR D 46 -0.31 28.01 11.19
CA THR D 46 -1.37 27.81 12.16
C THR D 46 -2.45 26.84 11.70
N LYS D 47 -3.35 26.47 12.61
CA LYS D 47 -4.44 25.55 12.28
C LYS D 47 -5.48 26.28 11.45
N PHE D 48 -5.03 27.26 10.67
CA PHE D 48 -5.91 28.05 9.83
C PHE D 48 -5.23 28.35 8.49
N GLU D 50 -4.49 27.50 5.13
CA GLU D 50 -3.49 28.52 4.78
C GLU D 50 -2.11 27.84 4.64
N LYS D 51 -2.09 26.70 3.94
CA LYS D 51 -0.89 25.89 3.68
C LYS D 51 0.34 26.73 3.34
N SER D 52 1.41 26.48 4.08
CA SER D 52 2.67 27.20 3.90
C SER D 52 3.68 26.47 3.01
N GLY D 53 3.50 25.15 2.90
CA GLY D 53 4.39 24.37 2.09
C GLY D 53 4.26 22.88 2.38
N THR D 54 5.19 22.11 1.83
CA THR D 54 5.21 20.67 2.01
C THR D 54 6.55 20.28 2.58
N ALA D 55 6.58 19.27 3.44
CA ALA D 55 7.83 18.86 4.03
C ALA D 55 7.83 17.37 4.37
N GLU D 56 9.00 16.86 4.74
CA GLU D 56 9.15 15.45 5.11
C GLU D 56 10.06 15.32 6.31
N VAL D 57 9.58 14.70 7.37
CA VAL D 57 10.36 14.53 8.58
C VAL D 57 11.54 13.58 8.38
N GLN D 58 12.76 14.05 8.67
CA GLN D 58 13.96 13.25 8.52
C GLN D 58 14.30 12.59 9.85
N LYS D 59 14.02 13.29 10.93
CA LYS D 59 14.31 12.73 12.25
C LYS D 59 13.30 13.17 13.30
N LEU D 60 13.02 12.29 14.25
CA LEU D 60 12.08 12.57 15.33
C LEU D 60 12.63 12.03 16.65
N GLN D 61 12.61 12.84 17.70
CA GLN D 61 13.11 12.37 18.99
C GLN D 61 12.24 12.78 20.17
N TRP D 62 12.20 11.92 21.19
CA TRP D 62 11.44 12.16 22.38
C TRP D 62 12.41 12.32 23.56
N GLU D 63 12.12 13.29 24.42
CA GLU D 63 12.95 13.55 25.57
C GLU D 63 12.28 14.53 26.51
N GLU D 64 12.17 14.13 27.79
CA GLU D 64 11.54 14.95 28.84
C GLU D 64 10.18 15.52 28.45
N GLY D 65 9.23 14.61 28.22
CA GLY D 65 7.89 15.05 27.86
C GLY D 65 7.74 15.90 26.60
N ARG D 66 8.83 16.17 25.89
CA ARG D 66 8.73 16.97 24.69
C ARG D 66 9.25 16.19 23.48
N THR D 67 8.87 16.66 22.29
CA THR D 67 9.27 16.02 21.04
C THR D 67 9.82 17.06 20.10
N ILE D 68 10.96 16.80 19.50
CA ILE D 68 11.54 17.73 18.55
C ILE D 68 11.73 17.01 17.22
N ILE D 69 11.24 17.59 16.13
CA ILE D 69 11.39 16.96 14.83
C ILE D 69 12.28 17.76 13.91
N THR D 70 12.94 17.07 12.99
CA THR D 70 13.80 17.73 12.01
C THR D 70 13.19 17.37 10.66
N TYR D 71 12.68 18.37 9.96
CA TYR D 71 12.06 18.11 8.66
C TYR D 71 12.73 18.87 7.52
N LYS D 72 12.56 18.33 6.32
CA LYS D 72 13.12 18.90 5.10
C LYS D 72 11.99 19.54 4.30
N LEU D 73 12.03 20.86 4.16
CA LEU D 73 10.99 21.57 3.40
C LEU D 73 11.17 21.30 1.90
N THR D 74 10.23 20.59 1.29
CA THR D 74 10.35 20.29 -0.13
C THR D 74 9.66 21.27 -1.09
N SER D 75 8.89 22.22 -0.55
CA SER D 75 8.21 23.20 -1.40
C SER D 75 7.40 24.22 -0.62
N LEU D 76 7.23 25.39 -1.22
CA LEU D 76 6.47 26.47 -0.60
C LEU D 76 5.15 26.65 -1.35
N HIS D 77 4.08 26.95 -0.61
CA HIS D 77 2.76 27.12 -1.23
C HIS D 77 2.54 28.53 -1.78
N SER D 78 1.70 29.32 -1.10
CA SER D 78 1.41 30.67 -1.55
C SER D 78 2.50 31.68 -1.22
N VAL D 79 3.68 31.52 -1.81
CA VAL D 79 4.77 32.44 -1.54
C VAL D 79 4.56 33.80 -2.21
N ASN D 80 4.02 34.74 -1.44
CA ASN D 80 3.75 36.08 -1.96
C ASN D 80 5.02 36.83 -2.40
N LEU D 81 4.88 38.01 -2.99
CA LEU D 81 6.07 38.72 -3.43
C LEU D 81 5.99 40.22 -3.16
N GLY E 2 9.76 -1.87 -26.47
CA GLY E 2 8.59 -2.11 -25.66
C GLY E 2 8.62 -3.29 -24.69
N PRO E 4 6.50 -6.21 -23.39
CA PRO E 4 5.36 -7.11 -23.63
C PRO E 4 4.99 -7.95 -22.42
N VAL E 5 3.69 -8.09 -22.15
CA VAL E 5 3.19 -8.90 -21.04
C VAL E 5 1.95 -9.60 -21.51
N GLU E 6 1.58 -10.68 -20.84
CA GLU E 6 0.39 -11.44 -21.20
C GLU E 6 -0.56 -11.49 -20.00
N PHE E 7 -1.83 -11.16 -20.20
CA PHE E 7 -2.79 -11.20 -19.12
C PHE E 7 -3.50 -12.55 -19.12
N ASN E 8 -3.46 -13.22 -17.97
CA ASN E 8 -4.10 -14.52 -17.84
C ASN E 8 -5.23 -14.45 -16.82
N THR E 9 -6.35 -15.09 -17.13
CA THR E 9 -7.49 -15.09 -16.23
C THR E 9 -7.70 -16.47 -15.63
N LEU E 10 -6.91 -17.43 -16.08
CA LEU E 10 -7.00 -18.80 -15.58
C LEU E 10 -5.63 -19.45 -15.39
N ILE E 11 -5.53 -20.36 -14.43
CA ILE E 11 -4.28 -21.08 -14.21
C ILE E 11 -4.38 -22.38 -15.00
N VAL E 12 -3.52 -22.53 -16.00
CA VAL E 12 -3.49 -23.73 -16.82
C VAL E 12 -2.17 -24.43 -16.55
N THR E 13 -2.23 -25.51 -15.77
CA THR E 13 -1.04 -26.28 -15.42
C THR E 13 -0.90 -27.45 -16.39
N LYS E 14 0.08 -27.40 -17.29
CA LYS E 14 0.27 -28.49 -18.24
C LYS E 14 0.82 -29.70 -17.49
N GLY E 15 0.36 -29.90 -16.27
CA GLY E 15 0.85 -31.01 -15.47
C GLY E 15 2.28 -30.72 -15.06
N LYS E 16 2.70 -29.48 -15.26
CA LYS E 16 4.06 -29.07 -14.93
C LYS E 16 4.13 -28.26 -13.63
N GLU E 17 3.08 -28.31 -12.82
CA GLU E 17 3.09 -27.57 -11.56
C GLU E 17 3.83 -28.38 -10.51
N VAL E 18 4.41 -27.67 -9.55
CA VAL E 18 5.17 -28.30 -8.47
C VAL E 18 4.67 -27.86 -7.12
N ARG E 19 4.43 -28.81 -6.21
CA ARG E 19 3.98 -28.43 -4.88
C ARG E 19 5.17 -28.23 -3.95
N ILE E 20 5.20 -27.07 -3.29
CA ILE E 20 6.28 -26.75 -2.37
C ILE E 20 5.82 -26.94 -0.93
N ASP E 21 4.51 -27.11 -0.76
CA ASP E 21 3.94 -27.32 0.56
C ASP E 21 2.78 -28.30 0.41
N GLU E 22 1.75 -28.13 1.24
CA GLU E 22 0.60 -29.02 1.19
C GLU E 22 -0.45 -28.59 0.17
N ASN E 23 -0.82 -27.32 0.19
CA ASN E 23 -1.82 -26.84 -0.75
C ASN E 23 -1.34 -25.74 -1.68
N ILE E 24 -0.07 -25.35 -1.55
CA ILE E 24 0.46 -24.31 -2.40
C ILE E 24 1.39 -24.90 -3.44
N PHE E 25 1.22 -24.46 -4.68
CA PHE E 25 2.02 -24.97 -5.80
C PHE E 25 2.79 -23.85 -6.48
N THR E 26 3.62 -24.22 -7.44
CA THR E 26 4.38 -23.23 -8.20
C THR E 26 4.30 -23.64 -9.67
N LEU E 27 4.08 -22.65 -10.51
CA LEU E 27 3.95 -22.85 -11.94
C LEU E 27 4.82 -21.86 -12.69
N GLU E 28 5.63 -22.37 -13.61
CA GLU E 28 6.52 -21.54 -14.41
C GLU E 28 5.94 -21.41 -15.80
N LYS E 29 5.75 -20.18 -16.24
CA LYS E 29 5.22 -19.92 -17.57
C LYS E 29 6.25 -19.18 -18.41
N ASP E 30 6.10 -19.25 -19.71
CA ASP E 30 7.01 -18.59 -20.62
C ASP E 30 6.47 -17.17 -20.86
N GLY E 31 7.35 -16.17 -20.87
CA GLY E 31 6.91 -14.80 -21.07
C GLY E 31 6.54 -14.15 -19.75
N TYR E 32 6.47 -12.82 -19.72
CA TYR E 32 6.07 -12.11 -18.48
C TYR E 32 4.54 -12.09 -18.40
N ARG E 33 3.96 -12.91 -17.52
CA ARG E 33 2.52 -12.96 -17.37
C ARG E 33 1.97 -12.13 -16.20
N VAL E 34 0.74 -11.65 -16.34
CA VAL E 34 0.07 -10.90 -15.29
C VAL E 34 -1.09 -11.77 -14.81
N TYR E 35 -1.09 -12.13 -13.53
CA TYR E 35 -2.16 -12.96 -12.97
C TYR E 35 -2.86 -12.17 -11.86
N PRO E 36 -4.20 -12.34 -11.73
CA PRO E 36 -4.88 -11.59 -10.67
C PRO E 36 -4.28 -12.06 -9.36
N GLU E 38 -4.28 -12.47 -5.12
CA GLU E 38 -5.18 -12.59 -3.98
C GLU E 38 -6.62 -12.92 -4.39
N ILE E 39 -6.89 -12.89 -5.69
CA ILE E 39 -8.22 -13.15 -6.22
C ILE E 39 -8.37 -14.60 -6.67
N PRO E 40 -9.46 -15.25 -6.27
CA PRO E 40 -9.69 -16.65 -6.65
C PRO E 40 -10.00 -16.80 -8.13
N ASP E 42 -10.05 -19.97 -11.64
CA ASP E 42 -10.12 -21.37 -12.05
C ASP E 42 -8.76 -21.96 -12.43
N VAL E 43 -8.56 -23.24 -12.12
CA VAL E 43 -7.30 -23.90 -12.47
C VAL E 43 -7.62 -25.19 -13.22
N ARG E 44 -6.89 -25.43 -14.30
CA ARG E 44 -7.13 -26.60 -15.11
C ARG E 44 -5.86 -27.20 -15.72
N LYS E 45 -5.92 -28.50 -16.06
CA LYS E 45 -4.77 -29.18 -16.63
C LYS E 45 -4.51 -28.71 -18.06
N THR E 46 -5.57 -28.50 -18.82
CA THR E 46 -5.41 -28.06 -20.19
C THR E 46 -6.35 -26.91 -20.48
N LYS E 47 -6.12 -26.28 -21.63
CA LYS E 47 -6.94 -25.17 -22.05
C LYS E 47 -8.29 -25.68 -22.55
N PHE E 48 -8.39 -26.98 -22.82
CA PHE E 48 -9.67 -27.52 -23.28
C PHE E 48 -10.71 -27.39 -22.16
N GLU E 50 -11.64 -29.21 -18.55
CA GLU E 50 -12.62 -29.09 -17.46
C GLU E 50 -11.94 -28.50 -16.22
N LYS E 51 -12.72 -27.78 -15.42
CA LYS E 51 -12.23 -27.17 -14.20
C LYS E 51 -11.67 -28.20 -13.24
N SER E 52 -10.44 -27.95 -12.80
CA SER E 52 -9.75 -28.84 -11.88
C SER E 52 -9.83 -28.36 -10.45
N GLY E 53 -10.15 -27.07 -10.28
CA GLY E 53 -10.25 -26.53 -8.95
C GLY E 53 -10.15 -25.02 -8.89
N THR E 54 -10.06 -24.50 -7.68
CA THR E 54 -9.96 -23.06 -7.50
C THR E 54 -8.67 -22.76 -6.74
N ALA E 55 -8.07 -21.62 -7.02
CA ALA E 55 -6.84 -21.25 -6.36
C ALA E 55 -6.68 -19.77 -6.30
N GLU E 56 -5.67 -19.33 -5.55
CA GLU E 56 -5.37 -17.91 -5.37
C GLU E 56 -3.87 -17.72 -5.38
N VAL E 57 -3.37 -16.88 -6.28
CA VAL E 57 -1.94 -16.62 -6.38
C VAL E 57 -1.45 -15.83 -5.14
N GLN E 58 -0.41 -16.35 -4.50
CA GLN E 58 0.15 -15.72 -3.31
C GLN E 58 1.36 -14.89 -3.71
N LYS E 59 2.08 -15.35 -4.72
CA LYS E 59 3.25 -14.63 -5.19
C LYS E 59 3.45 -14.78 -6.70
N LEU E 60 4.00 -13.74 -7.30
CA LEU E 60 4.27 -13.74 -8.74
C LEU E 60 5.62 -13.07 -9.05
N GLN E 61 6.46 -13.72 -9.82
CA GLN E 61 7.74 -13.13 -10.18
C GLN E 61 8.10 -13.22 -11.64
N TRP E 62 8.86 -12.23 -12.10
CA TRP E 62 9.31 -12.18 -13.47
C TRP E 62 10.83 -12.27 -13.45
N GLU E 63 11.39 -13.02 -14.40
CA GLU E 63 12.84 -13.18 -14.51
C GLU E 63 13.21 -13.90 -15.81
N GLU E 64 14.09 -13.29 -16.58
CA GLU E 64 14.55 -13.87 -17.83
C GLU E 64 13.38 -14.35 -18.72
N GLY E 65 12.62 -13.39 -19.21
CA GLY E 65 11.50 -13.69 -20.07
C GLY E 65 10.50 -14.73 -19.57
N ARG E 66 10.66 -15.24 -18.36
CA ARG E 66 9.70 -16.22 -17.87
C ARG E 66 9.03 -15.70 -16.60
N THR E 67 7.91 -16.31 -16.24
CA THR E 67 7.15 -15.92 -15.05
C THR E 67 6.81 -17.14 -14.24
N ILE E 68 7.01 -17.07 -12.93
CA ILE E 68 6.71 -18.20 -12.08
C ILE E 68 5.78 -17.78 -10.96
N ILE E 69 4.63 -18.43 -10.85
CA ILE E 69 3.66 -18.07 -9.82
C ILE E 69 3.56 -19.12 -8.70
N THR E 70 3.17 -18.68 -7.52
CA THR E 70 3.01 -19.58 -6.41
C THR E 70 1.58 -19.38 -5.97
N TYR E 71 0.75 -20.40 -6.16
CA TYR E 71 -0.65 -20.28 -5.80
C TYR E 71 -1.08 -21.30 -4.76
N LYS E 72 -2.10 -20.94 -4.01
CA LYS E 72 -2.67 -21.78 -2.95
C LYS E 72 -3.97 -22.38 -3.46
N LEU E 73 -4.00 -23.70 -3.61
CA LEU E 73 -5.20 -24.39 -4.09
C LEU E 73 -6.25 -24.39 -2.98
N THR E 74 -7.37 -23.71 -3.20
CA THR E 74 -8.43 -23.63 -2.18
C THR E 74 -9.56 -24.65 -2.32
N SER E 75 -9.60 -25.38 -3.43
CA SER E 75 -10.64 -26.39 -3.64
C SER E 75 -10.46 -27.17 -4.92
N LEU E 76 -10.99 -28.40 -4.93
CA LEU E 76 -10.92 -29.28 -6.08
C LEU E 76 -12.32 -29.39 -6.67
N HIS E 77 -12.41 -29.49 -8.00
CA HIS E 77 -13.70 -29.58 -8.68
C HIS E 77 -14.22 -31.02 -8.77
N SER E 78 -14.16 -31.60 -9.96
CA SER E 78 -14.64 -32.96 -10.19
C SER E 78 -13.61 -33.99 -9.75
N VAL E 79 -13.37 -34.10 -8.45
CA VAL E 79 -12.40 -35.08 -7.96
C VAL E 79 -13.00 -36.49 -7.99
N ASN E 80 -12.68 -37.24 -9.05
CA ASN E 80 -13.21 -38.58 -9.21
C ASN E 80 -12.86 -39.55 -8.12
N LEU E 81 -13.63 -40.65 -8.07
CA LEU E 81 -13.48 -41.72 -7.10
C LEU E 81 -12.63 -41.29 -5.91
N GLY F 2 -10.87 -6.67 -10.26
CA GLY F 2 -10.42 -6.09 -11.51
C GLY F 2 -8.91 -6.01 -11.64
N PRO F 4 -5.84 -4.42 -9.99
CA PRO F 4 -5.20 -3.13 -10.19
C PRO F 4 -3.67 -3.22 -10.19
N VAL F 5 -3.04 -2.55 -11.14
CA VAL F 5 -1.58 -2.52 -11.25
C VAL F 5 -1.17 -1.10 -11.62
N GLU F 6 0.09 -0.74 -11.34
CA GLU F 6 0.60 0.57 -11.68
C GLU F 6 1.76 0.41 -12.69
N PHE F 7 1.78 1.21 -13.74
CA PHE F 7 2.86 1.14 -14.71
C PHE F 7 3.84 2.25 -14.41
N ASN F 8 5.10 1.89 -14.19
CA ASN F 8 6.13 2.87 -13.90
C ASN F 8 7.15 2.91 -15.02
N THR F 9 7.60 4.11 -15.36
CA THR F 9 8.58 4.23 -16.43
C THR F 9 9.94 4.64 -15.87
N LEU F 10 9.97 4.93 -14.58
CA LEU F 10 11.19 5.34 -13.91
C LEU F 10 11.35 4.71 -12.54
N ILE F 11 12.61 4.52 -12.12
CA ILE F 11 12.86 3.96 -10.79
C ILE F 11 13.06 5.12 -9.82
N VAL F 12 12.13 5.30 -8.89
CA VAL F 12 12.25 6.37 -7.89
C VAL F 12 12.52 5.79 -6.52
N THR F 13 13.79 5.80 -6.11
CA THR F 13 14.22 5.29 -4.81
C THR F 13 14.15 6.39 -3.76
N LYS F 14 13.21 6.28 -2.82
CA LYS F 14 13.09 7.29 -1.79
C LYS F 14 14.21 7.08 -0.77
N GLY F 15 15.40 6.73 -1.28
CA GLY F 15 16.53 6.48 -0.41
C GLY F 15 16.31 5.18 0.31
N LYS F 16 15.27 4.44 -0.08
CA LYS F 16 14.93 3.17 0.56
C LYS F 16 15.41 1.93 -0.19
N GLU F 17 16.32 2.12 -1.15
CA GLU F 17 16.83 0.97 -1.89
C GLU F 17 17.92 0.25 -1.09
N VAL F 18 18.06 -1.04 -1.33
CA VAL F 18 19.05 -1.84 -0.63
C VAL F 18 19.95 -2.58 -1.62
N ARG F 19 21.27 -2.51 -1.43
CA ARG F 19 22.15 -3.22 -2.36
C ARG F 19 22.40 -4.63 -1.84
N ILE F 20 22.20 -5.62 -2.71
CA ILE F 20 22.41 -7.01 -2.33
C ILE F 20 23.73 -7.52 -2.91
N ASP F 21 24.32 -6.73 -3.80
CA ASP F 21 25.59 -7.09 -4.40
C ASP F 21 26.35 -5.79 -4.64
N GLU F 22 27.17 -5.75 -5.68
CA GLU F 22 27.95 -4.56 -5.96
C GLU F 22 27.20 -3.49 -6.74
N ASN F 23 26.54 -3.88 -7.83
CA ASN F 23 25.82 -2.92 -8.64
C ASN F 23 24.33 -3.19 -8.73
N ILE F 24 23.88 -4.26 -8.10
CA ILE F 24 22.46 -4.60 -8.13
C ILE F 24 21.77 -4.25 -6.80
N PHE F 25 20.64 -3.58 -6.89
CA PHE F 25 19.90 -3.15 -5.71
C PHE F 25 18.50 -3.75 -5.69
N THR F 26 17.79 -3.54 -4.60
CA THR F 26 16.43 -4.02 -4.49
C THR F 26 15.59 -2.88 -3.96
N LEU F 27 14.43 -2.68 -4.56
CA LEU F 27 13.51 -1.63 -4.15
C LEU F 27 12.12 -2.22 -3.92
N GLU F 28 11.50 -1.86 -2.81
CA GLU F 28 10.18 -2.36 -2.48
C GLU F 28 9.18 -1.21 -2.62
N LYS F 29 8.17 -1.43 -3.46
CA LYS F 29 7.14 -0.43 -3.70
C LYS F 29 5.77 -0.93 -3.20
N ASP F 30 4.87 -0.01 -2.93
CA ASP F 30 3.53 -0.34 -2.47
C ASP F 30 2.64 -0.58 -3.69
N GLY F 31 1.82 -1.62 -3.64
CA GLY F 31 0.95 -1.92 -4.76
C GLY F 31 1.66 -2.77 -5.81
N TYR F 32 0.90 -3.39 -6.71
CA TYR F 32 1.48 -4.24 -7.75
C TYR F 32 1.90 -3.36 -8.92
N ARG F 33 3.20 -3.11 -9.05
CA ARG F 33 3.73 -2.27 -10.13
C ARG F 33 4.28 -3.08 -11.31
N VAL F 34 4.25 -2.48 -12.50
CA VAL F 34 4.79 -3.10 -13.71
C VAL F 34 5.96 -2.23 -14.15
N TYR F 35 7.14 -2.84 -14.23
CA TYR F 35 8.32 -2.11 -14.65
C TYR F 35 8.87 -2.73 -15.93
N PRO F 36 9.40 -1.90 -16.84
CA PRO F 36 9.95 -2.45 -18.09
C PRO F 36 11.07 -3.39 -17.66
N GLU F 38 14.54 -5.81 -18.39
CA GLU F 38 15.71 -5.90 -19.27
C GLU F 38 15.96 -4.60 -20.04
N ILE F 39 15.05 -3.66 -19.89
CA ILE F 39 15.15 -2.37 -20.60
C ILE F 39 15.75 -1.29 -19.70
N PRO F 40 16.71 -0.53 -20.21
CA PRO F 40 17.33 0.53 -19.41
C PRO F 40 16.39 1.70 -19.16
N ASP F 42 15.62 5.42 -16.33
CA ASP F 42 16.15 6.41 -15.41
C ASP F 42 15.85 6.10 -13.95
N VAL F 43 16.81 6.38 -13.08
CA VAL F 43 16.64 6.17 -11.65
C VAL F 43 16.91 7.49 -10.93
N ARG F 44 16.08 7.80 -9.95
CA ARG F 44 16.25 9.04 -9.20
C ARG F 44 15.82 8.88 -7.73
N LYS F 45 16.32 9.78 -6.90
CA LYS F 45 16.03 9.75 -5.47
C LYS F 45 14.63 10.25 -5.17
N THR F 46 14.25 11.34 -5.81
CA THR F 46 12.94 11.93 -5.59
C THR F 46 12.24 12.22 -6.91
N LYS F 47 10.93 12.40 -6.84
CA LYS F 47 10.12 12.70 -8.01
C LYS F 47 10.62 13.96 -8.70
N PHE F 48 11.16 14.86 -7.90
CA PHE F 48 11.69 16.14 -8.40
C PHE F 48 12.96 15.94 -9.24
N GLU F 50 16.76 15.39 -9.74
CA GLU F 50 17.46 15.15 -10.99
C GLU F 50 17.88 13.68 -11.18
N LYS F 51 18.09 13.30 -12.44
CA LYS F 51 18.48 11.94 -12.80
C LYS F 51 19.71 11.49 -11.99
N SER F 52 19.56 10.35 -11.32
CA SER F 52 20.63 9.82 -10.49
C SER F 52 21.45 8.76 -11.22
N GLY F 53 20.89 8.20 -12.29
CA GLY F 53 21.58 7.18 -13.04
C GLY F 53 20.66 6.33 -13.90
N THR F 54 21.24 5.30 -14.52
CA THR F 54 20.50 4.42 -15.38
C THR F 54 20.58 3.02 -14.80
N ALA F 55 19.50 2.25 -14.93
CA ALA F 55 19.49 0.90 -14.40
C ALA F 55 18.59 0.00 -15.22
N GLU F 56 18.65 -1.30 -14.98
CA GLU F 56 17.84 -2.29 -15.68
C GLU F 56 17.33 -3.33 -14.69
N VAL F 57 16.00 -3.48 -14.62
CA VAL F 57 15.40 -4.45 -13.72
C VAL F 57 15.74 -5.89 -14.12
N GLN F 58 16.29 -6.67 -13.18
CA GLN F 58 16.66 -8.06 -13.46
C GLN F 58 15.56 -8.98 -12.95
N LYS F 59 14.87 -8.57 -11.89
CA LYS F 59 13.81 -9.39 -11.36
C LYS F 59 12.71 -8.56 -10.73
N LEU F 60 11.46 -9.03 -10.85
CA LEU F 60 10.31 -8.31 -10.28
C LEU F 60 9.37 -9.32 -9.64
N GLN F 61 8.92 -9.03 -8.43
CA GLN F 61 7.98 -9.93 -7.78
C GLN F 61 6.86 -9.22 -7.07
N TRP F 62 5.71 -9.89 -7.02
CA TRP F 62 4.51 -9.37 -6.37
C TRP F 62 4.17 -10.26 -5.19
N GLU F 63 3.81 -9.64 -4.08
CA GLU F 63 3.45 -10.39 -2.90
C GLU F 63 2.79 -9.48 -1.85
N GLU F 64 1.63 -9.90 -1.36
CA GLU F 64 0.92 -9.13 -0.36
C GLU F 64 0.83 -7.65 -0.70
N GLY F 65 0.06 -7.33 -1.73
CA GLY F 65 -0.13 -5.95 -2.15
C GLY F 65 1.11 -5.12 -2.40
N ARG F 66 2.29 -5.72 -2.25
CA ARG F 66 3.52 -4.95 -2.50
C ARG F 66 4.34 -5.57 -3.63
N THR F 67 5.25 -4.76 -4.18
CA THR F 67 6.12 -5.18 -5.25
C THR F 67 7.56 -4.81 -4.89
N ILE F 68 8.48 -5.74 -5.12
CA ILE F 68 9.89 -5.53 -4.83
C ILE F 68 10.67 -5.85 -6.08
N ILE F 69 11.48 -4.91 -6.57
CA ILE F 69 12.27 -5.14 -7.77
C ILE F 69 13.75 -5.19 -7.45
N THR F 70 14.49 -5.91 -8.29
CA THR F 70 15.92 -6.05 -8.14
C THR F 70 16.49 -5.49 -9.45
N TYR F 71 17.20 -4.39 -9.37
CA TYR F 71 17.78 -3.82 -10.57
C TYR F 71 19.29 -3.69 -10.53
N LYS F 72 19.89 -3.63 -11.71
CA LYS F 72 21.31 -3.50 -11.90
C LYS F 72 21.61 -2.09 -12.34
N LEU F 73 22.31 -1.32 -11.50
CA LEU F 73 22.66 0.06 -11.85
C LEU F 73 23.76 0.01 -12.92
N THR F 74 23.50 0.54 -14.11
CA THR F 74 24.48 0.50 -15.18
C THR F 74 25.29 1.80 -15.32
N SER F 75 24.90 2.85 -14.61
CA SER F 75 25.63 4.11 -14.70
C SER F 75 25.10 5.17 -13.74
N LEU F 76 25.96 6.13 -13.38
CA LEU F 76 25.58 7.24 -12.50
C LEU F 76 25.53 8.51 -13.32
N HIS F 77 24.65 9.45 -12.97
CA HIS F 77 24.51 10.68 -13.73
C HIS F 77 25.42 11.80 -13.22
N SER F 78 24.85 12.73 -12.47
CA SER F 78 25.62 13.86 -11.93
C SER F 78 26.32 13.50 -10.63
N VAL F 79 27.29 12.59 -10.71
CA VAL F 79 28.02 12.18 -9.52
C VAL F 79 28.99 13.28 -9.12
N ASN F 80 28.59 14.09 -8.15
CA ASN F 80 29.40 15.20 -7.67
C ASN F 80 30.72 14.78 -7.03
N LEU F 81 31.62 15.73 -6.86
CA LEU F 81 32.91 15.46 -6.26
C LEU F 81 33.16 16.39 -5.07
N GLY G 2 -4.74 -16.22 -24.27
CA GLY G 2 -4.12 -15.12 -23.54
C GLY G 2 -4.25 -13.77 -24.23
N PRO G 4 -2.36 -10.58 -25.00
CA PRO G 4 -1.05 -9.93 -25.10
C PRO G 4 -1.16 -8.42 -25.35
N VAL G 5 -0.39 -7.64 -24.59
CA VAL G 5 -0.34 -6.19 -24.77
C VAL G 5 1.12 -5.76 -24.72
N GLU G 6 1.42 -4.55 -25.15
CA GLU G 6 2.78 -4.05 -25.13
C GLU G 6 2.77 -2.70 -24.41
N PHE G 7 3.67 -2.54 -23.45
CA PHE G 7 3.76 -1.28 -22.71
C PHE G 7 4.81 -0.38 -23.36
N ASN G 8 4.37 0.81 -23.75
CA ASN G 8 5.25 1.77 -24.39
C ASN G 8 5.46 2.98 -23.50
N THR G 9 6.70 3.46 -23.40
CA THR G 9 6.99 4.60 -22.55
C THR G 9 7.30 5.83 -23.38
N LEU G 10 7.42 5.64 -24.69
CA LEU G 10 7.71 6.75 -25.61
C LEU G 10 6.87 6.66 -26.88
N ILE G 11 6.64 7.81 -27.53
CA ILE G 11 5.87 7.82 -28.76
C ILE G 11 6.86 7.84 -29.92
N VAL G 12 6.94 6.74 -30.66
CA VAL G 12 7.85 6.67 -31.81
C VAL G 12 7.03 6.71 -33.09
N THR G 13 7.01 7.87 -33.73
CA THR G 13 6.27 8.06 -34.97
C THR G 13 7.18 7.81 -36.15
N LYS G 14 7.02 6.69 -36.85
CA LYS G 14 7.88 6.39 -38.00
C LYS G 14 7.56 7.32 -39.16
N GLY G 15 7.22 8.57 -38.84
CA GLY G 15 6.85 9.52 -39.87
C GLY G 15 5.46 9.18 -40.38
N LYS G 16 4.78 8.27 -39.69
CA LYS G 16 3.44 7.83 -40.07
C LYS G 16 2.32 8.48 -39.24
N GLU G 17 2.63 9.52 -38.50
CA GLU G 17 1.61 10.18 -37.68
C GLU G 17 0.78 11.11 -38.55
N VAL G 18 -0.45 11.34 -38.14
CA VAL G 18 -1.37 12.20 -38.90
C VAL G 18 -1.98 13.23 -37.98
N ARG G 19 -1.95 14.50 -38.39
CA ARG G 19 -2.52 15.56 -37.59
C ARG G 19 -3.99 15.76 -37.96
N ILE G 20 -4.85 15.71 -36.96
CA ILE G 20 -6.28 15.87 -37.17
C ILE G 20 -6.71 17.28 -36.79
N ASP G 21 -5.81 18.00 -36.14
CA ASP G 21 -6.11 19.37 -35.73
C ASP G 21 -4.80 20.14 -35.80
N GLU G 22 -4.61 21.13 -34.94
CA GLU G 22 -3.40 21.93 -34.98
C GLU G 22 -2.23 21.32 -34.22
N ASN G 23 -2.46 20.88 -33.00
CA ASN G 23 -1.37 20.30 -32.22
C ASN G 23 -1.62 18.85 -31.82
N ILE G 24 -2.76 18.30 -32.22
CA ILE G 24 -3.07 16.93 -31.87
C ILE G 24 -2.90 16.03 -33.08
N PHE G 25 -2.22 14.90 -32.88
CA PHE G 25 -1.95 13.93 -33.95
C PHE G 25 -2.55 12.57 -33.64
N THR G 26 -2.49 11.68 -34.61
CA THR G 26 -2.98 10.32 -34.41
C THR G 26 -1.92 9.39 -34.97
N LEU G 27 -1.63 8.32 -34.23
CA LEU G 27 -0.63 7.35 -34.61
C LEU G 27 -1.22 5.97 -34.46
N GLU G 28 -1.06 5.15 -35.49
CA GLU G 28 -1.55 3.78 -35.47
C GLU G 28 -0.37 2.82 -35.29
N LYS G 29 -0.47 1.95 -34.30
CA LYS G 29 0.56 0.98 -34.02
C LYS G 29 0.04 -0.44 -34.16
N ASP G 30 0.93 -1.38 -34.41
CA ASP G 30 0.55 -2.77 -34.56
C ASP G 30 0.54 -3.41 -33.19
N GLY G 31 -0.52 -4.18 -32.89
CA GLY G 31 -0.64 -4.83 -31.61
C GLY G 31 -1.39 -3.97 -30.62
N TYR G 32 -1.88 -4.57 -29.54
CA TYR G 32 -2.58 -3.79 -28.51
C TYR G 32 -1.54 -3.14 -27.56
N ARG G 33 -1.34 -1.84 -27.71
CA ARG G 33 -0.36 -1.13 -26.88
C ARG G 33 -0.98 -0.37 -25.72
N VAL G 34 -0.22 -0.26 -24.62
CA VAL G 34 -0.63 0.50 -23.44
C VAL G 34 0.28 1.71 -23.35
N TYR G 35 -0.30 2.91 -23.37
CA TYR G 35 0.48 4.13 -23.29
C TYR G 35 0.03 4.90 -22.04
N PRO G 36 0.95 5.61 -21.38
CA PRO G 36 0.55 6.37 -20.19
C PRO G 36 -0.47 7.39 -20.70
N GLU G 38 -2.79 10.99 -20.29
CA GLU G 38 -2.72 12.30 -19.63
C GLU G 38 -1.33 12.66 -19.11
N ILE G 39 -0.40 11.72 -19.18
CA ILE G 39 0.97 11.94 -18.70
C ILE G 39 1.91 12.33 -19.82
N PRO G 40 2.74 13.36 -19.62
CA PRO G 40 3.67 13.79 -20.67
C PRO G 40 4.82 12.82 -20.88
N ASP G 42 8.10 11.54 -24.04
CA ASP G 42 8.91 11.90 -25.20
C ASP G 42 8.37 11.35 -26.51
N VAL G 43 8.59 12.09 -27.59
CA VAL G 43 8.13 11.67 -28.92
C VAL G 43 9.29 11.81 -29.88
N ARG G 44 9.52 10.77 -30.69
CA ARG G 44 10.62 10.79 -31.64
C ARG G 44 10.28 10.11 -32.95
N LYS G 45 11.00 10.47 -34.01
CA LYS G 45 10.78 9.90 -35.34
C LYS G 45 11.24 8.45 -35.38
N THR G 46 12.42 8.20 -34.82
CA THR G 46 12.98 6.86 -34.78
C THR G 46 13.53 6.50 -33.40
N LYS G 47 13.95 5.26 -33.25
CA LYS G 47 14.51 4.75 -32.00
C LYS G 47 15.85 5.43 -31.73
N PHE G 48 16.25 6.34 -32.62
CA PHE G 48 17.52 7.05 -32.52
C PHE G 48 17.30 8.56 -32.54
N GLU G 50 17.32 12.22 -30.99
CA GLU G 50 16.88 11.33 -29.93
C GLU G 50 15.53 11.78 -29.36
N LYS G 51 15.28 13.10 -29.41
CA LYS G 51 14.01 13.66 -28.94
C LYS G 51 13.48 14.72 -29.90
N SER G 52 12.25 14.51 -30.34
CA SER G 52 11.58 15.40 -31.27
C SER G 52 10.66 16.38 -30.58
N GLY G 53 10.23 16.02 -29.38
CA GLY G 53 9.34 16.86 -28.60
C GLY G 53 8.67 16.11 -27.45
N THR G 54 7.69 16.77 -26.85
CA THR G 54 6.96 16.20 -25.74
C THR G 54 5.49 16.19 -26.10
N ALA G 55 4.76 15.18 -25.62
CA ALA G 55 3.34 15.09 -25.92
C ALA G 55 2.57 14.37 -24.83
N GLU G 56 1.25 14.42 -24.93
CA GLU G 56 0.37 13.78 -23.95
C GLU G 56 -0.79 13.12 -24.65
N VAL G 57 -0.93 11.82 -24.48
CA VAL G 57 -2.01 11.07 -25.13
C VAL G 57 -3.39 11.48 -24.59
N GLN G 58 -4.29 11.88 -25.49
CA GLN G 58 -5.63 12.30 -25.11
C GLN G 58 -6.60 11.15 -25.26
N LYS G 59 -6.33 10.26 -26.19
CA LYS G 59 -7.21 9.11 -26.39
C LYS G 59 -6.44 7.92 -26.92
N LEU G 60 -6.88 6.73 -26.54
CA LEU G 60 -6.24 5.49 -26.98
C LEU G 60 -7.28 4.43 -27.29
N GLN G 61 -7.19 3.80 -28.45
CA GLN G 61 -8.14 2.75 -28.76
C GLN G 61 -7.53 1.48 -29.35
N TRP G 62 -8.18 0.36 -29.06
CA TRP G 62 -7.76 -0.93 -29.57
C TRP G 62 -8.83 -1.42 -30.52
N GLU G 63 -8.40 -2.06 -31.60
CA GLU G 63 -9.30 -2.59 -32.60
C GLU G 63 -8.55 -3.40 -33.64
N GLU G 64 -8.98 -4.64 -33.84
CA GLU G 64 -8.35 -5.54 -34.81
C GLU G 64 -6.83 -5.59 -34.66
N GLY G 65 -6.39 -6.13 -33.54
CA GLY G 65 -4.98 -6.28 -33.28
C GLY G 65 -4.12 -5.03 -33.46
N ARG G 66 -4.73 -3.87 -33.63
CA ARG G 66 -3.95 -2.66 -33.80
C ARG G 66 -4.39 -1.63 -32.78
N THR G 67 -3.53 -0.65 -32.54
CA THR G 67 -3.82 0.40 -31.58
C THR G 67 -3.55 1.74 -32.23
N ILE G 68 -4.45 2.69 -32.03
CA ILE G 68 -4.28 4.02 -32.59
C ILE G 68 -4.41 5.02 -31.46
N ILE G 69 -3.44 5.93 -31.33
CA ILE G 69 -3.49 6.92 -30.25
C ILE G 69 -3.63 8.32 -30.80
N THR G 70 -4.22 9.19 -30.01
CA THR G 70 -4.39 10.57 -30.42
C THR G 70 -3.66 11.37 -29.35
N TYR G 71 -2.60 12.07 -29.73
CA TYR G 71 -1.85 12.81 -28.75
C TYR G 71 -1.73 14.29 -29.07
N LYS G 72 -1.53 15.08 -28.01
CA LYS G 72 -1.39 16.53 -28.12
C LYS G 72 0.08 16.87 -27.95
N LEU G 73 0.68 17.42 -28.99
CA LEU G 73 2.09 17.80 -28.94
C LEU G 73 2.24 19.08 -28.12
N THR G 74 2.87 19.00 -26.95
CA THR G 74 3.01 20.17 -26.11
C THR G 74 4.30 20.97 -26.31
N SER G 75 5.25 20.44 -27.08
CA SER G 75 6.50 21.15 -27.32
C SER G 75 7.44 20.43 -28.28
N LEU G 76 8.30 21.21 -28.92
CA LEU G 76 9.28 20.68 -29.85
C LEU G 76 10.66 20.80 -29.22
N HIS G 77 11.54 19.82 -29.48
CA HIS G 77 12.89 19.82 -28.92
C HIS G 77 13.90 20.59 -29.81
N SER G 78 14.77 19.88 -30.51
CA SER G 78 15.75 20.54 -31.34
C SER G 78 15.18 20.99 -32.70
N VAL G 79 14.27 21.97 -32.67
CA VAL G 79 13.69 22.46 -33.91
C VAL G 79 14.70 23.32 -34.65
N ASN G 80 15.38 22.72 -35.64
CA ASN G 80 16.38 23.43 -36.40
C ASN G 80 15.87 24.66 -37.15
N LEU G 81 16.79 25.55 -37.48
CA LEU G 81 16.50 26.79 -38.19
C LEU G 81 15.56 27.70 -37.40
N GLY H 2 3.29 7.32 -13.40
CA GLY H 2 2.18 6.70 -12.70
C GLY H 2 0.97 6.44 -13.57
N PRO H 4 -1.91 4.01 -13.97
CA PRO H 4 -2.73 2.94 -13.37
C PRO H 4 -3.78 2.38 -14.32
N VAL H 5 -3.90 1.06 -14.36
CA VAL H 5 -4.87 0.39 -15.22
C VAL H 5 -5.47 -0.78 -14.46
N GLU H 6 -6.68 -1.19 -14.85
CA GLU H 6 -7.33 -2.31 -14.17
C GLU H 6 -7.53 -3.46 -15.16
N PHE H 7 -7.18 -4.69 -14.77
CA PHE H 7 -7.35 -5.83 -15.66
C PHE H 7 -8.63 -6.55 -15.34
N ASN H 8 -9.52 -6.66 -16.32
CA ASN H 8 -10.80 -7.32 -16.10
C ASN H 8 -10.89 -8.61 -16.87
N THR H 9 -11.44 -9.64 -16.24
CA THR H 9 -11.58 -10.92 -16.90
C THR H 9 -13.02 -11.23 -17.26
N LEU H 10 -13.92 -10.39 -16.76
CA LEU H 10 -15.35 -10.55 -17.00
C LEU H 10 -16.04 -9.23 -17.29
N ILE H 11 -17.09 -9.27 -18.10
CA ILE H 11 -17.85 -8.06 -18.41
C ILE H 11 -19.01 -8.01 -17.43
N VAL H 12 -18.98 -7.02 -16.54
CA VAL H 12 -20.04 -6.84 -15.54
C VAL H 12 -20.82 -5.57 -15.92
N THR H 13 -21.99 -5.75 -16.51
CA THR H 13 -22.85 -4.63 -16.90
C THR H 13 -23.82 -4.33 -15.76
N LYS H 14 -23.66 -3.20 -15.09
CA LYS H 14 -24.56 -2.84 -13.99
C LYS H 14 -25.92 -2.41 -14.55
N GLY H 15 -26.33 -3.06 -15.64
CA GLY H 15 -27.58 -2.70 -16.28
C GLY H 15 -27.39 -1.38 -16.98
N LYS H 16 -26.14 -0.94 -17.10
CA LYS H 16 -25.82 0.32 -17.74
C LYS H 16 -25.27 0.17 -19.15
N GLU H 17 -25.43 -1.00 -19.74
CA GLU H 17 -24.93 -1.21 -21.10
C GLU H 17 -25.90 -0.65 -22.13
N VAL H 18 -25.39 -0.27 -23.29
CA VAL H 18 -26.22 0.30 -24.33
C VAL H 18 -26.01 -0.42 -25.66
N ARG H 19 -27.10 -0.82 -26.31
CA ARG H 19 -26.93 -1.49 -27.59
C ARG H 19 -26.91 -0.48 -28.73
N ILE H 20 -25.90 -0.60 -29.60
CA ILE H 20 -25.76 0.31 -30.72
C ILE H 20 -26.19 -0.38 -32.00
N ASP H 21 -26.37 -1.69 -31.90
CA ASP H 21 -26.78 -2.48 -33.04
C ASP H 21 -27.66 -3.61 -32.53
N GLU H 22 -27.64 -4.75 -33.21
CA GLU H 22 -28.47 -5.87 -32.79
C GLU H 22 -27.86 -6.72 -31.68
N ASN H 23 -26.61 -7.11 -31.85
CA ASN H 23 -25.96 -7.94 -30.85
C ASN H 23 -24.74 -7.30 -30.21
N ILE H 24 -24.39 -6.10 -30.66
CA ILE H 24 -23.23 -5.41 -30.12
C ILE H 24 -23.64 -4.30 -29.16
N PHE H 25 -23.01 -4.28 -27.99
CA PHE H 25 -23.33 -3.30 -26.97
C PHE H 25 -22.11 -2.43 -26.64
N THR H 26 -22.33 -1.42 -25.82
CA THR H 26 -21.25 -0.56 -25.39
C THR H 26 -21.39 -0.41 -23.89
N LEU H 27 -20.27 -0.48 -23.17
CA LEU H 27 -20.27 -0.35 -21.73
C LEU H 27 -19.21 0.66 -21.33
N GLU H 28 -19.55 1.59 -20.45
CA GLU H 28 -18.60 2.58 -20.00
C GLU H 28 -18.22 2.28 -18.55
N LYS H 29 -16.91 2.14 -18.31
CA LYS H 29 -16.38 1.85 -16.99
C LYS H 29 -15.50 3.00 -16.49
N ASP H 30 -15.38 3.11 -15.17
CA ASP H 30 -14.57 4.15 -14.56
C ASP H 30 -13.12 3.66 -14.50
N GLY H 31 -12.17 4.53 -14.83
CA GLY H 31 -10.77 4.15 -14.81
C GLY H 31 -10.33 3.47 -16.11
N TYR H 32 -9.02 3.43 -16.37
CA TYR H 32 -8.51 2.80 -17.60
C TYR H 32 -8.47 1.27 -17.45
N ARG H 33 -9.44 0.57 -18.05
CA ARG H 33 -9.49 -0.91 -17.95
C ARG H 33 -8.90 -1.64 -19.14
N VAL H 34 -8.40 -2.84 -18.88
CA VAL H 34 -7.81 -3.68 -19.93
C VAL H 34 -8.70 -4.91 -20.02
N TYR H 35 -9.25 -5.15 -21.20
CA TYR H 35 -10.13 -6.29 -21.41
C TYR H 35 -9.54 -7.17 -22.51
N PRO H 36 -9.65 -8.50 -22.35
CA PRO H 36 -9.11 -9.40 -23.38
C PRO H 36 -9.82 -8.99 -24.67
N GLU H 38 -10.99 -9.71 -28.76
CA GLU H 38 -11.27 -10.79 -29.68
C GLU H 38 -11.48 -12.15 -28.99
N ILE H 39 -11.26 -12.18 -27.69
CA ILE H 39 -11.38 -13.40 -26.89
C ILE H 39 -12.71 -13.45 -26.17
N PRO H 40 -13.43 -14.59 -26.25
CA PRO H 40 -14.73 -14.74 -25.59
C PRO H 40 -14.64 -14.77 -24.08
N ASP H 42 -17.11 -14.19 -20.10
CA ASP H 42 -18.42 -14.16 -19.45
C ASP H 42 -18.95 -12.77 -19.17
N VAL H 43 -20.26 -12.61 -19.33
CA VAL H 43 -20.88 -11.31 -19.07
C VAL H 43 -21.99 -11.50 -18.05
N ARG H 44 -22.07 -10.59 -17.10
CA ARG H 44 -23.09 -10.68 -16.07
C ARG H 44 -23.57 -9.31 -15.61
N LYS H 45 -24.78 -9.30 -15.04
CA LYS H 45 -25.40 -8.07 -14.56
C LYS H 45 -24.67 -7.57 -13.32
N THR H 46 -24.22 -8.49 -12.49
CA THR H 46 -23.51 -8.11 -11.27
C THR H 46 -22.49 -9.17 -10.88
N LYS H 47 -21.61 -8.86 -9.93
CA LYS H 47 -20.61 -9.82 -9.49
C LYS H 47 -21.22 -10.91 -8.61
N PHE H 48 -22.47 -11.27 -8.89
CA PHE H 48 -23.15 -12.32 -8.13
C PHE H 48 -23.57 -13.44 -9.07
N GLU H 50 -26.31 -15.27 -11.83
CA GLU H 50 -24.88 -15.11 -12.10
C GLU H 50 -24.54 -14.77 -13.55
N LYS H 51 -24.14 -15.79 -14.31
CA LYS H 51 -23.78 -15.60 -15.72
C LYS H 51 -24.98 -15.23 -16.59
N SER H 52 -24.85 -14.09 -17.26
CA SER H 52 -25.89 -13.56 -18.12
C SER H 52 -25.65 -13.91 -19.58
N GLY H 53 -24.41 -14.24 -19.91
CA GLY H 53 -24.10 -14.60 -21.29
C GLY H 53 -22.62 -14.59 -21.60
N THR H 54 -22.30 -14.70 -22.89
CA THR H 54 -20.93 -14.71 -23.34
C THR H 54 -20.80 -13.61 -24.34
N ALA H 55 -19.64 -12.98 -24.38
CA ALA H 55 -19.44 -11.89 -25.34
C ALA H 55 -17.98 -11.75 -25.71
N GLU H 56 -17.72 -10.92 -26.71
CA GLU H 56 -16.37 -10.70 -27.18
C GLU H 56 -16.19 -9.22 -27.52
N VAL H 57 -15.22 -8.58 -26.85
CA VAL H 57 -14.95 -7.16 -27.08
C VAL H 57 -14.41 -6.93 -28.51
N GLN H 58 -15.02 -6.00 -29.24
CA GLN H 58 -14.61 -5.71 -30.62
C GLN H 58 -13.74 -4.45 -30.63
N LYS H 59 -14.00 -3.57 -29.67
CA LYS H 59 -13.24 -2.33 -29.60
C LYS H 59 -13.14 -1.87 -28.16
N LEU H 60 -12.02 -1.22 -27.84
CA LEU H 60 -11.82 -0.70 -26.49
C LEU H 60 -11.15 0.66 -26.59
N GLN H 61 -11.62 1.65 -25.85
CA GLN H 61 -10.97 2.95 -25.92
C GLN H 61 -10.82 3.57 -24.55
N TRP H 62 -9.80 4.42 -24.43
CA TRP H 62 -9.49 5.12 -23.20
C TRP H 62 -9.63 6.61 -23.48
N GLU H 63 -10.20 7.35 -22.52
CA GLU H 63 -10.35 8.80 -22.67
C GLU H 63 -10.84 9.42 -21.36
N GLU H 64 -10.11 10.44 -20.91
CA GLU H 64 -10.43 11.16 -19.68
C GLU H 64 -10.70 10.23 -18.50
N GLY H 65 -9.68 9.49 -18.08
CA GLY H 65 -9.82 8.59 -16.95
C GLY H 65 -10.90 7.52 -17.06
N ARG H 66 -11.61 7.45 -18.17
CA ARG H 66 -12.63 6.41 -18.30
C ARG H 66 -12.36 5.49 -19.50
N THR H 67 -12.99 4.32 -19.48
CA THR H 67 -12.84 3.38 -20.57
C THR H 67 -14.20 2.89 -21.05
N ILE H 68 -14.39 2.88 -22.36
CA ILE H 68 -15.65 2.42 -22.92
C ILE H 68 -15.40 1.29 -23.91
N ILE H 69 -16.05 0.15 -23.69
CA ILE H 69 -15.87 -0.99 -24.58
C ILE H 69 -17.11 -1.28 -25.39
N THR H 70 -16.88 -1.86 -26.57
CA THR H 70 -17.95 -2.23 -27.48
C THR H 70 -17.79 -3.72 -27.67
N TYR H 71 -18.74 -4.48 -27.14
CA TYR H 71 -18.68 -5.93 -27.27
C TYR H 71 -19.88 -6.53 -28.01
N LYS H 72 -19.64 -7.70 -28.59
CA LYS H 72 -20.64 -8.45 -29.35
C LYS H 72 -21.11 -9.59 -28.48
N LEU H 73 -22.39 -9.59 -28.12
CA LEU H 73 -22.94 -10.66 -27.29
C LEU H 73 -23.09 -11.88 -28.18
N THR H 74 -22.45 -12.99 -27.83
CA THR H 74 -22.53 -14.20 -28.66
C THR H 74 -23.49 -15.27 -28.14
N SER H 75 -24.04 -15.04 -26.95
CA SER H 75 -24.98 -16.00 -26.38
C SER H 75 -25.51 -15.55 -25.03
N LEU H 76 -26.69 -16.06 -24.66
CA LEU H 76 -27.33 -15.76 -23.39
C LEU H 76 -27.33 -17.02 -22.55
N HIS H 77 -27.14 -16.86 -21.24
CA HIS H 77 -27.10 -18.00 -20.33
C HIS H 77 -28.48 -18.46 -19.87
N SER H 78 -28.83 -18.13 -18.63
CA SER H 78 -30.12 -18.53 -18.08
C SER H 78 -31.26 -17.62 -18.51
N VAL H 79 -31.58 -17.63 -19.80
CA VAL H 79 -32.68 -16.79 -20.27
C VAL H 79 -34.03 -17.37 -19.87
N ASN H 80 -34.61 -16.84 -18.80
CA ASN H 80 -35.90 -17.30 -18.29
C ASN H 80 -37.06 -17.07 -19.28
N LEU H 81 -38.17 -17.78 -19.10
CA LEU H 81 -39.32 -17.66 -20.01
C LEU H 81 -40.72 -17.41 -19.37
#